data_4OF1
#
_entry.id   4OF1
#
_cell.length_a   127.274
_cell.length_b   127.274
_cell.length_c   41.916
_cell.angle_alpha   90.00
_cell.angle_beta   90.00
_cell.angle_gamma   120.00
#
_symmetry.space_group_name_H-M   'P 61'
#
loop_
_entity.id
_entity.type
_entity.pdbx_description
1 polymer 'mRNA interferase MazF'
2 water water
#
_entity_poly.entity_id   1
_entity_poly.type   'polypeptide(L)'
_entity_poly.pdbx_seq_one_letter_code
;MIRRGDVYLADLSPVQGSEQGGVRPVVIIQNDTGNKYSPTVIVAAITGRINKAKIPTHVEIEKKKYKLDKDSVILLEQIR
TLDKKRLKEKLTYLSDDKMKEVDNALMISLGLNAVAHQKNLEHHHHHH
;
_entity_poly.pdbx_strand_id   A,B
#
# COMPACT_ATOMS: atom_id res chain seq x y z
N MET A 1 18.43 0.06 11.78
CA MET A 1 17.82 -1.06 10.99
C MET A 1 16.30 -0.77 10.93
N ILE A 2 15.76 -0.73 9.72
CA ILE A 2 14.34 -0.54 9.51
C ILE A 2 13.60 -1.86 9.64
N ARG A 3 12.76 -1.97 10.66
CA ARG A 3 12.01 -3.22 10.87
C ARG A 3 10.54 -3.02 10.64
N ARG A 4 9.91 -4.03 10.08
CA ARG A 4 8.47 -4.12 10.03
C ARG A 4 7.97 -4.00 11.45
N GLY A 5 7.03 -3.08 11.69
CA GLY A 5 6.53 -2.88 13.04
C GLY A 5 7.09 -1.60 13.63
N ASP A 6 8.19 -1.02 13.04
CA ASP A 6 8.71 0.31 13.47
C ASP A 6 7.70 1.36 13.10
N VAL A 7 7.67 2.43 13.88
CA VAL A 7 6.84 3.58 13.66
C VAL A 7 7.79 4.76 13.59
N TYR A 8 7.73 5.48 12.45
CA TYR A 8 8.51 6.65 12.15
C TYR A 8 7.63 7.88 11.92
N LEU A 9 8.17 9.04 12.19
CA LEU A 9 7.57 10.28 11.75
C LEU A 9 7.94 10.44 10.24
N ALA A 10 7.01 10.87 9.39
CA ALA A 10 7.32 10.97 7.96
C ALA A 10 6.42 12.03 7.41
N ASP A 11 6.93 12.85 6.49
CA ASP A 11 6.11 13.85 5.80
C ASP A 11 5.47 13.19 4.61
N LEU A 12 4.16 13.06 4.70
CA LEU A 12 3.41 12.49 3.60
C LEU A 12 2.95 13.51 2.54
N SER A 13 3.10 14.82 2.80
CA SER A 13 2.66 15.88 1.86
C SER A 13 3.68 15.91 0.72
N PRO A 14 3.26 16.35 -0.47
CA PRO A 14 1.86 16.75 -0.86
C PRO A 14 0.87 15.57 -1.20
N VAL A 15 -0.43 15.80 -1.05
CA VAL A 15 -1.45 14.79 -1.30
C VAL A 15 -2.61 15.39 -2.06
N GLN A 16 -3.52 14.56 -2.53
CA GLN A 16 -4.71 15.05 -3.23
C GLN A 16 -5.94 14.46 -2.61
N GLY A 17 -7.01 15.24 -2.55
CA GLY A 17 -8.31 14.77 -2.12
C GLY A 17 -8.24 14.22 -0.72
N SER A 18 -8.75 12.99 -0.56
CA SER A 18 -8.84 12.30 0.74
C SER A 18 -7.63 11.43 1.16
N GLU A 19 -6.54 11.54 0.41
CA GLU A 19 -5.27 10.92 0.77
C GLU A 19 -4.77 11.57 2.05
N GLN A 20 -4.24 10.72 2.94
CA GLN A 20 -3.73 11.17 4.23
C GLN A 20 -2.38 11.91 4.02
N GLY A 21 -2.29 13.16 4.45
CA GLY A 21 -1.07 13.95 4.26
C GLY A 21 -0.60 14.45 5.60
N GLY A 22 0.26 15.46 5.60
CA GLY A 22 0.87 15.97 6.86
C GLY A 22 2.14 15.21 7.31
N VAL A 23 2.79 15.77 8.32
CA VAL A 23 3.92 15.13 8.97
C VAL A 23 3.31 14.27 10.05
N ARG A 24 3.45 12.94 9.95
CA ARG A 24 2.81 12.13 10.98
C ARG A 24 3.54 10.80 11.17
N PRO A 25 3.17 10.09 12.22
CA PRO A 25 3.68 8.75 12.41
C PRO A 25 3.10 7.78 11.33
N VAL A 26 3.92 6.83 10.89
CA VAL A 26 3.51 5.84 9.97
C VAL A 26 4.14 4.56 10.51
N VAL A 27 3.47 3.43 10.31
CA VAL A 27 4.08 2.18 10.67
C VAL A 27 4.58 1.44 9.43
N ILE A 28 5.77 0.84 9.53
CA ILE A 28 6.32 0.02 8.48
C ILE A 28 5.61 -1.33 8.38
N ILE A 29 5.15 -1.69 7.18
CA ILE A 29 4.40 -2.93 6.96
C ILE A 29 5.03 -3.78 5.83
N GLN A 30 6.05 -3.23 5.19
CA GLN A 30 6.83 -4.05 4.26
C GLN A 30 7.59 -5.14 4.98
N ASN A 31 7.72 -6.28 4.33
CA ASN A 31 8.53 -7.37 4.83
C ASN A 31 10.00 -6.90 5.00
N ASP A 32 10.74 -7.64 5.83
CA ASP A 32 12.07 -7.25 6.25
C ASP A 32 13.21 -7.38 5.23
N THR A 33 13.14 -8.30 4.29
CA THR A 33 14.05 -8.36 3.18
C THR A 33 13.90 -7.10 2.32
N GLY A 34 12.66 -6.71 1.99
CA GLY A 34 12.44 -5.42 1.31
C GLY A 34 12.96 -4.23 2.11
N ASN A 35 12.73 -4.18 3.41
CA ASN A 35 13.25 -3.04 4.19
C ASN A 35 14.77 -2.91 4.16
N LYS A 36 15.44 -4.04 4.22
CA LYS A 36 16.86 -4.07 4.23
C LYS A 36 17.49 -3.88 2.81
N TYR A 37 16.91 -4.48 1.79
CA TYR A 37 17.58 -4.52 0.50
C TYR A 37 16.95 -3.66 -0.57
N SER A 38 16.33 -2.56 -0.18
CA SER A 38 15.69 -1.78 -1.21
C SER A 38 15.65 -0.37 -0.67
N PRO A 39 15.57 0.63 -1.54
CA PRO A 39 15.51 2.04 -1.12
C PRO A 39 14.12 2.53 -0.60
N THR A 40 13.09 1.71 -0.67
CA THR A 40 11.76 2.15 -0.27
C THR A 40 11.18 1.22 0.83
N VAL A 41 10.25 1.77 1.59
CA VAL A 41 9.41 0.99 2.53
C VAL A 41 7.92 1.17 2.14
N ILE A 42 7.07 0.30 2.67
CA ILE A 42 5.64 0.53 2.57
C ILE A 42 5.22 0.76 3.98
N VAL A 43 4.36 1.75 4.14
CA VAL A 43 3.88 2.14 5.44
C VAL A 43 2.34 2.25 5.45
N ALA A 44 1.79 2.32 6.66
CA ALA A 44 0.39 2.64 6.91
C ALA A 44 0.39 3.89 7.79
N ALA A 45 -0.39 4.89 7.40
CA ALA A 45 -0.50 6.13 8.20
C ALA A 45 -1.21 5.94 9.57
N ILE A 46 -0.86 6.79 10.54
CA ILE A 46 -1.48 6.83 11.83
C ILE A 46 -2.08 8.22 12.00
N THR A 47 -3.25 8.30 12.63
CA THR A 47 -3.89 9.59 12.81
C THR A 47 -4.25 9.67 14.27
N GLY A 48 -4.08 10.87 14.85
CA GLY A 48 -4.60 11.16 16.19
C GLY A 48 -5.98 11.89 16.08
N ARG A 49 -6.49 12.12 14.88
CA ARG A 49 -7.83 12.71 14.65
C ARG A 49 -8.94 11.92 15.38
N ILE A 50 -8.83 10.60 15.40
CA ILE A 50 -9.76 9.74 16.13
C ILE A 50 -8.93 8.83 17.01
N ASN A 51 -9.54 8.36 18.08
CA ASN A 51 -8.90 7.45 19.01
C ASN A 51 -9.59 6.11 19.07
N LYS A 52 -10.69 5.95 18.35
CA LYS A 52 -11.43 4.67 18.35
C LYS A 52 -11.53 4.11 16.92
N ALA A 53 -11.29 2.81 16.75
CA ALA A 53 -11.52 2.13 15.50
C ALA A 53 -13.00 2.29 14.99
N LYS A 54 -13.17 2.88 13.82
CA LYS A 54 -14.52 3.01 13.22
C LYS A 54 -14.89 1.78 12.32
N ILE A 55 -13.90 1.21 11.61
CA ILE A 55 -14.14 0.16 10.61
C ILE A 55 -13.12 -0.93 10.82
N PRO A 56 -13.34 -2.11 10.24
CA PRO A 56 -12.39 -3.24 10.48
C PRO A 56 -10.96 -3.03 9.89
N THR A 57 -10.73 -1.99 9.07
CA THR A 57 -9.36 -1.71 8.64
C THR A 57 -8.63 -0.70 9.59
N HIS A 58 -9.24 -0.38 10.74
CA HIS A 58 -8.64 0.50 11.75
C HIS A 58 -8.07 -0.27 12.87
N VAL A 59 -6.92 0.14 13.38
CA VAL A 59 -6.40 -0.52 14.62
C VAL A 59 -5.96 0.57 15.60
N GLU A 60 -6.46 0.50 16.82
CA GLU A 60 -6.10 1.44 17.90
C GLU A 60 -4.68 1.27 18.46
N ILE A 61 -4.05 2.40 18.75
CA ILE A 61 -2.86 2.37 19.58
C ILE A 61 -2.88 3.39 20.71
N GLU A 62 -2.50 2.92 21.89
CA GLU A 62 -2.52 3.71 23.14
C GLU A 62 -1.28 4.60 23.30
N LYS A 63 -1.44 5.90 23.50
CA LYS A 63 -0.31 6.75 23.96
C LYS A 63 0.46 6.25 25.21
N LYS A 64 -0.19 5.58 26.16
CA LYS A 64 0.56 5.11 27.36
C LYS A 64 1.69 4.10 27.04
N LYS A 65 1.48 3.19 26.07
CA LYS A 65 2.53 2.26 25.67
C LYS A 65 3.44 2.75 24.55
N TYR A 66 3.05 3.75 23.75
CA TYR A 66 3.73 3.94 22.49
C TYR A 66 4.23 5.34 22.22
N LYS A 67 4.19 6.25 23.18
CA LYS A 67 4.96 7.49 22.99
C LYS A 67 4.47 8.30 21.76
N LEU A 68 3.16 8.61 21.76
CA LEU A 68 2.49 9.36 20.72
C LEU A 68 1.95 10.56 21.43
N ASP A 69 1.65 11.63 20.70
CA ASP A 69 0.95 12.77 21.33
C ASP A 69 -0.40 12.35 21.92
N LYS A 70 -1.06 11.37 21.30
CA LYS A 70 -2.48 11.09 21.54
C LYS A 70 -2.83 9.63 21.28
N ASP A 71 -3.82 9.12 21.96
CA ASP A 71 -4.40 7.84 21.58
C ASP A 71 -4.77 7.99 20.09
N SER A 72 -4.47 6.96 19.29
CA SER A 72 -4.46 7.14 17.86
C SER A 72 -4.94 5.90 17.16
N VAL A 73 -5.05 5.99 15.84
CA VAL A 73 -5.58 4.88 15.04
C VAL A 73 -4.66 4.69 13.86
N ILE A 74 -4.38 3.44 13.54
CA ILE A 74 -3.59 3.08 12.36
C ILE A 74 -4.61 2.79 11.27
N LEU A 75 -4.40 3.42 10.11
CA LEU A 75 -5.33 3.35 8.98
C LEU A 75 -4.78 2.43 7.96
N LEU A 76 -5.25 1.18 7.97
CA LEU A 76 -4.80 0.22 6.97
C LEU A 76 -5.47 0.42 5.63
N GLU A 77 -6.35 1.40 5.50
CA GLU A 77 -6.82 1.78 4.17
C GLU A 77 -5.94 2.90 3.57
N GLN A 78 -4.97 3.39 4.30
CA GLN A 78 -4.08 4.49 3.79
C GLN A 78 -2.68 3.97 3.81
N ILE A 79 -2.32 3.28 2.75
CA ILE A 79 -1.02 2.68 2.72
C ILE A 79 -0.30 3.16 1.48
N ARG A 80 1.03 3.21 1.58
CA ARG A 80 1.91 3.86 0.61
C ARG A 80 3.30 3.31 0.68
N THR A 81 3.90 3.18 -0.49
CA THR A 81 5.31 3.04 -0.61
C THR A 81 5.93 4.40 -0.47
N LEU A 82 6.89 4.48 0.43
CA LEU A 82 7.57 5.76 0.71
C LEU A 82 9.03 5.54 0.46
N ASP A 83 9.69 6.52 -0.16
CA ASP A 83 11.15 6.51 -0.08
C ASP A 83 11.68 6.58 1.36
N LYS A 84 12.71 5.79 1.66
CA LYS A 84 13.37 5.90 2.99
C LYS A 84 13.82 7.24 3.42
N LYS A 85 14.21 8.10 2.50
CA LYS A 85 14.60 9.48 2.89
C LYS A 85 13.47 10.28 3.48
N ARG A 86 12.24 9.84 3.30
CA ARG A 86 11.13 10.50 4.01
C ARG A 86 11.02 10.15 5.50
N LEU A 87 11.65 9.06 5.95
CA LEU A 87 11.59 8.68 7.36
C LEU A 87 12.42 9.65 8.17
N LYS A 88 11.79 10.41 9.06
CA LYS A 88 12.55 11.17 10.07
C LYS A 88 12.80 10.30 11.30
N GLU A 89 12.49 10.80 12.48
CA GLU A 89 12.83 10.04 13.64
C GLU A 89 11.93 8.80 13.83
N LYS A 90 12.55 7.82 14.45
CA LYS A 90 11.97 6.58 14.90
C LYS A 90 11.24 6.83 16.24
N LEU A 91 9.91 6.72 16.25
CA LEU A 91 9.11 7.00 17.43
C LEU A 91 8.99 5.82 18.38
N THR A 92 8.75 4.61 17.87
CA THR A 92 8.40 3.49 18.69
C THR A 92 8.45 2.25 17.81
N TYR A 93 8.01 1.14 18.36
CA TYR A 93 8.02 -0.14 17.70
C TYR A 93 6.76 -0.90 18.26
N LEU A 94 5.97 -1.54 17.39
CA LEU A 94 4.73 -2.11 17.88
C LEU A 94 4.94 -3.54 18.35
N SER A 95 4.18 -3.96 19.35
CA SER A 95 4.29 -5.32 19.88
C SER A 95 3.81 -6.32 18.84
N ASP A 96 4.18 -7.56 19.07
CA ASP A 96 3.79 -8.72 18.22
C ASP A 96 2.29 -8.92 18.14
N ASP A 97 1.60 -8.72 19.25
CA ASP A 97 0.16 -8.73 19.25
C ASP A 97 -0.45 -7.53 18.51
N LYS A 98 0.09 -6.33 18.72
CA LYS A 98 -0.39 -5.25 17.95
C LYS A 98 -0.17 -5.53 16.42
N MET A 99 0.96 -6.14 16.06
CA MET A 99 1.19 -6.44 14.68
C MET A 99 0.25 -7.52 14.12
N LYS A 100 -0.30 -8.40 14.98
CA LYS A 100 -1.29 -9.37 14.47
C LYS A 100 -2.60 -8.71 14.09
N GLU A 101 -3.02 -7.73 14.87
CA GLU A 101 -4.19 -6.99 14.53
C GLU A 101 -4.00 -6.20 13.22
N VAL A 102 -2.84 -5.58 13.07
CA VAL A 102 -2.42 -4.93 11.86
C VAL A 102 -2.44 -5.89 10.68
N ASP A 103 -1.88 -7.11 10.84
CA ASP A 103 -1.90 -8.11 9.74
C ASP A 103 -3.35 -8.43 9.33
N ASN A 104 -4.20 -8.59 10.31
CA ASN A 104 -5.56 -8.75 10.06
C ASN A 104 -6.29 -7.67 9.30
N ALA A 105 -6.20 -6.44 9.80
CA ALA A 105 -6.85 -5.33 9.20
C ALA A 105 -6.27 -5.17 7.77
N LEU A 106 -5.02 -5.59 7.53
CA LEU A 106 -4.39 -5.38 6.21
C LEU A 106 -4.91 -6.44 5.23
N MET A 107 -5.13 -7.63 5.73
CA MET A 107 -5.81 -8.61 4.89
C MET A 107 -7.23 -8.25 4.52
N ILE A 108 -7.96 -7.65 5.43
CA ILE A 108 -9.30 -7.19 5.10
C ILE A 108 -9.20 -6.05 4.05
N SER A 109 -8.35 -5.07 4.33
CA SER A 109 -8.09 -3.98 3.42
C SER A 109 -7.83 -4.35 1.97
N LEU A 110 -7.00 -5.36 1.74
CA LEU A 110 -6.56 -5.74 0.42
C LEU A 110 -7.31 -6.92 -0.12
N GLY A 111 -8.36 -7.32 0.56
CA GLY A 111 -9.14 -8.46 0.14
C GLY A 111 -8.38 -9.75 -0.04
N LEU A 112 -7.46 -10.00 0.86
CA LEU A 112 -6.62 -11.16 0.85
C LEU A 112 -7.25 -12.12 1.78
N ASN A 113 -8.39 -11.70 2.23
CA ASN A 113 -9.17 -12.31 3.26
C ASN A 113 -9.42 -13.76 2.94
N ALA A 114 -9.41 -14.09 1.67
CA ALA A 114 -9.50 -15.48 1.33
C ALA A 114 -8.05 -15.88 1.57
N VAL A 115 -7.63 -15.77 2.84
CA VAL A 115 -6.24 -15.97 3.26
C VAL A 115 -5.33 -16.56 2.22
N MET B 1 -17.91 2.77 -10.10
CA MET B 1 -17.86 1.27 -10.15
C MET B 1 -16.43 0.73 -10.43
N ILE B 2 -15.52 1.09 -9.55
CA ILE B 2 -14.17 0.56 -9.49
C ILE B 2 -14.12 -0.73 -8.73
N ARG B 3 -13.35 -1.66 -9.29
CA ARG B 3 -13.31 -3.02 -8.70
C ARG B 3 -11.92 -3.57 -8.68
N ARG B 4 -11.67 -4.38 -7.67
CA ARG B 4 -10.43 -5.01 -7.49
C ARG B 4 -10.11 -5.75 -8.79
N GLY B 5 -8.86 -5.63 -9.27
CA GLY B 5 -8.42 -6.33 -10.53
C GLY B 5 -8.56 -5.45 -11.77
N ASP B 6 -9.31 -4.35 -11.68
CA ASP B 6 -9.35 -3.37 -12.74
C ASP B 6 -7.99 -2.73 -12.85
N VAL B 7 -7.66 -2.28 -14.06
CA VAL B 7 -6.44 -1.58 -14.36
C VAL B 7 -6.82 -0.21 -14.92
N TYR B 8 -6.36 0.87 -14.27
CA TYR B 8 -6.62 2.22 -14.68
C TYR B 8 -5.35 2.97 -14.99
N LEU B 9 -5.49 4.00 -15.81
CA LEU B 9 -4.48 4.96 -16.00
C LEU B 9 -4.59 5.97 -14.86
N ALA B 10 -3.47 6.32 -14.25
CA ALA B 10 -3.47 7.24 -13.09
C ALA B 10 -2.19 8.00 -13.06
N ASP B 11 -2.27 9.22 -12.56
CA ASP B 11 -1.10 10.05 -12.36
C ASP B 11 -0.52 9.91 -10.93
N LEU B 12 0.62 9.26 -10.82
CA LEU B 12 1.33 9.07 -9.53
C LEU B 12 2.16 10.29 -9.03
N SER B 13 2.49 11.20 -9.94
CA SER B 13 3.35 12.34 -9.61
C SER B 13 2.54 13.35 -8.85
N PRO B 14 3.21 14.17 -8.01
CA PRO B 14 4.68 14.18 -7.75
C PRO B 14 5.08 13.07 -6.81
N VAL B 15 6.32 12.61 -6.92
CA VAL B 15 6.91 11.60 -6.05
C VAL B 15 8.37 11.95 -5.65
N GLN B 16 8.99 11.09 -4.83
CA GLN B 16 10.37 11.29 -4.31
C GLN B 16 11.17 10.03 -4.40
N GLY B 17 12.50 10.19 -4.57
CA GLY B 17 13.39 9.04 -4.50
C GLY B 17 12.93 7.98 -5.47
N SER B 18 12.81 6.74 -5.01
CA SER B 18 12.49 5.64 -5.90
C SER B 18 11.00 5.28 -5.91
N GLU B 19 10.12 6.21 -5.49
CA GLU B 19 8.68 5.99 -5.57
C GLU B 19 8.30 6.01 -7.09
N GLN B 20 7.57 5.01 -7.59
CA GLN B 20 7.09 5.08 -9.02
C GLN B 20 6.30 6.34 -9.27
N GLY B 21 6.61 7.10 -10.32
CA GLY B 21 5.85 8.35 -10.55
C GLY B 21 5.23 8.33 -11.94
N GLY B 22 4.73 9.47 -12.39
CA GLY B 22 4.20 9.53 -13.76
C GLY B 22 2.78 8.99 -13.98
N VAL B 23 2.26 9.22 -15.20
CA VAL B 23 0.96 8.75 -15.60
C VAL B 23 1.19 7.36 -16.10
N ARG B 24 0.55 6.36 -15.46
CA ARG B 24 0.78 5.00 -15.89
C ARG B 24 -0.37 4.07 -15.40
N PRO B 25 -0.45 2.86 -15.96
CA PRO B 25 -1.46 1.92 -15.49
C PRO B 25 -1.19 1.53 -14.02
N VAL B 26 -2.26 1.32 -13.25
CA VAL B 26 -2.15 0.78 -11.91
C VAL B 26 -3.23 -0.30 -11.76
N VAL B 27 -2.97 -1.33 -10.99
CA VAL B 27 -4.04 -2.26 -10.68
C VAL B 27 -4.67 -2.02 -9.28
N ILE B 28 -5.99 -2.01 -9.22
CA ILE B 28 -6.73 -1.86 -7.96
C ILE B 28 -6.57 -3.10 -7.11
N ILE B 29 -6.15 -2.95 -5.85
CA ILE B 29 -5.91 -4.10 -4.99
C ILE B 29 -6.73 -3.99 -3.69
N GLN B 30 -7.35 -2.84 -3.48
CA GLN B 30 -8.26 -2.68 -2.37
C GLN B 30 -9.50 -3.61 -2.51
N ASN B 31 -9.99 -4.12 -1.37
CA ASN B 31 -11.23 -4.89 -1.29
C ASN B 31 -12.37 -4.06 -1.88
N ASP B 32 -13.37 -4.76 -2.42
CA ASP B 32 -14.51 -4.17 -3.07
C ASP B 32 -15.49 -3.43 -2.21
N THR B 33 -15.62 -3.78 -0.93
CA THR B 33 -16.37 -2.88 0.00
C THR B 33 -15.78 -1.50 0.05
N GLY B 34 -14.45 -1.39 0.24
CA GLY B 34 -13.75 -0.06 0.15
C GLY B 34 -13.86 0.55 -1.25
N ASN B 35 -13.79 -0.26 -2.30
CA ASN B 35 -13.94 0.37 -3.62
C ASN B 35 -15.34 0.97 -3.83
N LYS B 36 -16.37 0.30 -3.31
CA LYS B 36 -17.71 0.85 -3.40
C LYS B 36 -17.90 2.13 -2.51
N TYR B 37 -17.38 2.15 -1.29
CA TYR B 37 -17.81 3.17 -0.29
C TYR B 37 -16.77 4.21 0.04
N SER B 38 -15.52 3.92 -0.29
CA SER B 38 -14.48 4.77 0.20
C SER B 38 -14.13 5.85 -0.82
N PRO B 39 -13.65 7.01 -0.39
CA PRO B 39 -13.17 8.01 -1.41
C PRO B 39 -11.78 7.70 -1.99
N THR B 40 -11.06 6.74 -1.41
CA THR B 40 -9.74 6.39 -1.90
C THR B 40 -9.69 4.95 -2.38
N VAL B 41 -8.74 4.64 -3.27
CA VAL B 41 -8.46 3.27 -3.65
C VAL B 41 -7.00 2.96 -3.37
N ILE B 42 -6.66 1.67 -3.21
CA ILE B 42 -5.31 1.27 -3.06
C ILE B 42 -4.95 0.57 -4.36
N VAL B 43 -3.79 0.97 -4.93
CA VAL B 43 -3.29 0.47 -6.17
C VAL B 43 -1.83 0.01 -6.07
N ALA B 44 -1.43 -0.85 -6.99
CA ALA B 44 -0.06 -1.26 -7.27
C ALA B 44 0.30 -0.75 -8.67
N ALA B 45 1.45 -0.11 -8.79
CA ALA B 45 2.02 0.37 -10.07
C ALA B 45 2.43 -0.71 -11.06
N ILE B 46 2.17 -0.42 -12.33
CA ILE B 46 2.59 -1.28 -13.40
C ILE B 46 3.67 -0.56 -14.15
N THR B 47 4.73 -1.28 -14.52
CA THR B 47 5.86 -0.69 -15.29
C THR B 47 6.10 -1.51 -16.53
N GLY B 48 6.58 -0.84 -17.57
CA GLY B 48 7.02 -1.51 -18.80
C GLY B 48 8.51 -1.47 -19.06
N ARG B 49 9.28 -0.81 -18.18
CA ARG B 49 10.77 -0.82 -18.14
C ARG B 49 11.36 -2.25 -18.08
N ILE B 50 10.60 -3.21 -17.56
CA ILE B 50 10.97 -4.62 -17.54
C ILE B 50 9.77 -5.47 -17.98
N ASN B 51 10.04 -6.71 -18.33
CA ASN B 51 9.03 -7.58 -18.87
C ASN B 51 9.05 -8.93 -18.17
N LYS B 52 10.02 -9.14 -17.26
CA LYS B 52 10.24 -10.44 -16.60
C LYS B 52 10.24 -10.27 -15.07
N ALA B 53 9.56 -11.16 -14.33
CA ALA B 53 9.47 -11.08 -12.86
C ALA B 53 10.71 -11.72 -12.24
N LYS B 54 11.69 -10.87 -11.93
CA LYS B 54 12.95 -11.30 -11.32
C LYS B 54 12.74 -11.69 -9.84
N ILE B 55 11.87 -10.95 -9.14
CA ILE B 55 11.65 -11.17 -7.73
C ILE B 55 10.22 -11.60 -7.48
N PRO B 56 10.00 -12.26 -6.33
CA PRO B 56 8.66 -12.78 -6.05
C PRO B 56 7.60 -11.69 -5.72
N THR B 57 8.00 -10.42 -5.58
CA THR B 57 7.02 -9.33 -5.45
C THR B 57 6.61 -8.68 -6.78
N HIS B 58 7.01 -9.30 -7.88
CA HIS B 58 6.73 -8.83 -9.27
C HIS B 58 5.89 -9.81 -10.02
N VAL B 59 4.94 -9.31 -10.80
CA VAL B 59 4.06 -10.22 -11.57
C VAL B 59 4.05 -9.71 -13.01
N GLU B 60 4.37 -10.60 -13.94
CA GLU B 60 4.41 -10.29 -15.36
C GLU B 60 2.98 -10.19 -15.87
N ILE B 61 2.72 -9.23 -16.75
CA ILE B 61 1.46 -9.27 -17.48
C ILE B 61 1.74 -9.08 -18.98
N GLU B 62 0.98 -9.77 -19.81
CA GLU B 62 1.28 -9.94 -21.23
C GLU B 62 0.56 -8.82 -21.98
N LYS B 63 1.22 -8.23 -22.97
CA LYS B 63 0.69 -7.04 -23.64
C LYS B 63 -0.60 -7.21 -24.46
N LYS B 64 -0.70 -8.26 -25.27
CA LYS B 64 -1.84 -8.41 -26.20
C LYS B 64 -3.11 -8.61 -25.42
N LYS B 65 -3.12 -9.62 -24.55
CA LYS B 65 -4.26 -9.92 -23.71
C LYS B 65 -4.75 -8.75 -22.81
N TYR B 66 -3.83 -7.98 -22.23
CA TYR B 66 -4.22 -6.84 -21.39
C TYR B 66 -4.13 -5.49 -22.06
N LYS B 67 -3.89 -5.47 -23.38
CA LYS B 67 -3.91 -4.20 -24.18
C LYS B 67 -2.93 -3.11 -23.70
N LEU B 68 -1.70 -3.48 -23.38
CA LEU B 68 -0.71 -2.46 -22.94
C LEU B 68 0.21 -2.10 -24.11
N ASP B 69 1.03 -1.07 -23.93
CA ASP B 69 2.12 -0.81 -24.90
C ASP B 69 3.17 -1.91 -24.97
N LYS B 70 3.63 -2.42 -23.83
CA LYS B 70 4.70 -3.43 -23.86
C LYS B 70 4.35 -4.57 -22.90
N ASP B 71 5.07 -5.69 -22.97
CA ASP B 71 5.02 -6.70 -21.90
C ASP B 71 5.41 -6.03 -20.55
N SER B 72 4.55 -6.11 -19.51
CA SER B 72 4.78 -5.27 -18.34
C SER B 72 4.94 -6.08 -17.06
N VAL B 73 5.12 -5.36 -15.97
CA VAL B 73 5.31 -5.98 -14.67
C VAL B 73 4.54 -5.17 -13.64
N ILE B 74 3.78 -5.86 -12.82
CA ILE B 74 3.12 -5.27 -11.67
C ILE B 74 4.12 -5.29 -10.52
N LEU B 75 4.25 -4.14 -9.85
CA LEU B 75 5.25 -3.95 -8.84
C LEU B 75 4.54 -3.97 -7.48
N LEU B 76 4.45 -5.13 -6.80
CA LEU B 76 3.71 -5.15 -5.52
C LEU B 76 4.44 -4.49 -4.34
N GLU B 77 5.65 -3.96 -4.57
CA GLU B 77 6.36 -3.15 -3.59
C GLU B 77 6.12 -1.66 -3.90
N GLN B 78 5.42 -1.36 -5.01
CA GLN B 78 5.03 0.04 -5.32
C GLN B 78 3.52 0.22 -5.18
N ILE B 79 3.11 0.56 -3.98
CA ILE B 79 1.72 0.67 -3.64
C ILE B 79 1.39 2.08 -3.25
N ARG B 80 0.13 2.46 -3.52
CA ARG B 80 -0.33 3.78 -3.27
C ARG B 80 -1.81 3.78 -2.94
N THR B 81 -2.20 4.73 -2.11
CA THR B 81 -3.57 4.99 -1.83
C THR B 81 -3.88 6.26 -2.57
N LEU B 82 -4.82 6.22 -3.49
CA LEU B 82 -5.14 7.39 -4.33
C LEU B 82 -6.57 7.77 -4.12
N ASP B 83 -6.81 9.07 -4.04
CA ASP B 83 -8.13 9.60 -4.24
C ASP B 83 -8.71 9.08 -5.54
N LYS B 84 -9.98 8.67 -5.55
CA LYS B 84 -10.61 8.22 -6.84
C LYS B 84 -10.46 9.19 -8.02
N LYS B 85 -10.33 10.49 -7.77
CA LYS B 85 -10.19 11.47 -8.83
C LYS B 85 -8.88 11.35 -9.58
N ARG B 86 -7.90 10.64 -9.04
CA ARG B 86 -6.66 10.43 -9.81
C ARG B 86 -6.79 9.42 -10.95
N LEU B 87 -7.91 8.70 -10.99
CA LEU B 87 -8.06 7.58 -11.93
C LEU B 87 -8.61 8.15 -13.23
N LYS B 88 -7.88 8.04 -14.33
CA LYS B 88 -8.47 8.45 -15.59
C LYS B 88 -9.13 7.20 -16.16
N GLU B 89 -8.92 6.91 -17.42
CA GLU B 89 -9.68 5.86 -18.04
C GLU B 89 -9.32 4.47 -17.47
N LYS B 90 -10.30 3.59 -17.46
CA LYS B 90 -10.09 2.21 -17.23
C LYS B 90 -9.40 1.63 -18.47
N LEU B 91 -8.35 0.84 -18.26
CA LEU B 91 -7.64 0.22 -19.37
C LEU B 91 -8.00 -1.28 -19.67
N THR B 92 -8.43 -2.06 -18.69
CA THR B 92 -8.50 -3.52 -18.81
C THR B 92 -8.79 -4.04 -17.39
N TYR B 93 -8.83 -5.34 -17.21
CA TYR B 93 -8.96 -5.93 -15.90
C TYR B 93 -8.27 -7.26 -15.98
N LEU B 94 -7.69 -7.66 -14.86
CA LEU B 94 -6.92 -8.88 -14.83
C LEU B 94 -7.82 -10.07 -14.67
N SER B 95 -7.35 -11.22 -15.15
CA SER B 95 -8.09 -12.43 -14.94
C SER B 95 -7.96 -12.90 -13.50
N ASP B 96 -8.83 -13.80 -13.08
CA ASP B 96 -8.73 -14.43 -11.76
C ASP B 96 -7.40 -15.12 -11.43
N ASP B 97 -6.92 -15.92 -12.35
CA ASP B 97 -5.62 -16.57 -12.23
C ASP B 97 -4.52 -15.56 -11.97
N LYS B 98 -4.50 -14.49 -12.78
CA LYS B 98 -3.52 -13.49 -12.67
C LYS B 98 -3.65 -12.73 -11.33
N MET B 99 -4.90 -12.49 -10.91
CA MET B 99 -5.16 -11.89 -9.62
C MET B 99 -4.65 -12.75 -8.44
N LYS B 100 -4.67 -14.07 -8.61
CA LYS B 100 -4.05 -14.97 -7.61
C LYS B 100 -2.55 -14.83 -7.53
N GLU B 101 -1.88 -14.62 -8.63
CA GLU B 101 -0.42 -14.33 -8.55
C GLU B 101 -0.18 -13.02 -7.81
N VAL B 102 -1.01 -12.00 -8.10
CA VAL B 102 -1.01 -10.72 -7.47
C VAL B 102 -1.18 -10.84 -5.96
N ASP B 103 -2.14 -11.64 -5.52
CA ASP B 103 -2.34 -11.89 -4.09
C ASP B 103 -1.10 -12.54 -3.45
N ASN B 104 -0.54 -13.57 -4.07
CA ASN B 104 0.67 -14.20 -3.53
C ASN B 104 1.81 -13.19 -3.38
N ALA B 105 2.07 -12.38 -4.41
CA ALA B 105 3.13 -11.37 -4.39
C ALA B 105 2.86 -10.32 -3.27
N LEU B 106 1.60 -10.08 -2.99
CA LEU B 106 1.23 -9.05 -2.03
C LEU B 106 1.41 -9.61 -0.60
N MET B 107 1.09 -10.88 -0.40
CA MET B 107 1.37 -11.53 0.88
C MET B 107 2.88 -11.42 1.19
N ILE B 108 3.69 -11.76 0.21
CA ILE B 108 5.12 -11.68 0.39
C ILE B 108 5.56 -10.22 0.62
N SER B 109 5.11 -9.32 -0.23
CA SER B 109 5.49 -7.93 -0.09
C SER B 109 5.21 -7.33 1.31
N LEU B 110 4.04 -7.65 1.88
CA LEU B 110 3.69 -7.01 3.13
C LEU B 110 3.96 -7.94 4.30
N GLY B 111 4.75 -9.00 4.06
CA GLY B 111 5.09 -9.95 5.11
C GLY B 111 3.89 -10.58 5.81
N LEU B 112 2.83 -10.90 5.07
CA LEU B 112 1.67 -11.59 5.64
C LEU B 112 1.85 -13.10 5.44
N ASN B 113 2.91 -13.43 4.72
CA ASN B 113 3.55 -14.74 4.73
C ASN B 113 3.46 -15.65 5.95
N ALA B 114 3.11 -16.91 5.65
CA ALA B 114 2.65 -17.93 6.58
C ALA B 114 1.12 -18.01 6.47
N VAL B 115 0.52 -17.12 5.65
CA VAL B 115 -0.93 -17.06 5.42
C VAL B 115 -1.33 -17.50 4.00
#